data_3MGK
#
_entry.id   3MGK
#
_cell.length_a   151.539
_cell.length_b   70.354
_cell.length_c   40.195
_cell.angle_alpha   90.00
_cell.angle_beta   101.18
_cell.angle_gamma   90.00
#
_symmetry.space_group_name_H-M   'C 1 2 1'
#
loop_
_entity.id
_entity.type
_entity.pdbx_description
1 polymer 'Intracellular protease/amidase related enzyme (ThiJ family)'
2 water water
#
_entity_poly.entity_id   1
_entity_poly.type   'polypeptide(L)'
_entity_poly.pdbx_seq_one_letter_code
;MSLSYRIDVLLFNKFETLDVFGPVEIFGNLQDDFELNFISSDGGLVESSQKVRVETSLYTRDENIEKILFVPGGSGTREK
VNDDNFINFIGNMVKESKYIISVCTGSALLSKAGILNGKRATTNKRSFKWVTEQNEDVLWVKEARWVKDGNIYTSSGVSA
GIDMTLGFIEDLIGKEKALEISRSIEYFWNEDSNYDPFSKIYGEGHHHHHH
;
_entity_poly.pdbx_strand_id   A,B
#
# COMPACT_ATOMS: atom_id res chain seq x y z
N SER A 4 -14.92 2.23 -19.11
CA SER A 4 -14.53 3.67 -19.01
C SER A 4 -13.04 3.90 -19.30
N TYR A 5 -12.18 3.54 -18.35
CA TYR A 5 -10.74 3.78 -18.49
C TYR A 5 -9.92 2.54 -18.19
N ARG A 6 -8.85 2.36 -18.97
CA ARG A 6 -7.82 1.41 -18.60
C ARG A 6 -6.65 2.19 -17.98
N ILE A 7 -6.25 1.81 -16.76
CA ILE A 7 -5.12 2.45 -16.10
C ILE A 7 -3.90 1.60 -16.35
N ASP A 8 -2.90 2.20 -16.97
CA ASP A 8 -1.70 1.47 -17.29
C ASP A 8 -0.71 1.81 -16.22
N VAL A 9 -0.54 0.92 -15.26
CA VAL A 9 0.35 1.13 -14.14
C VAL A 9 1.71 0.59 -14.53
N LEU A 10 2.67 1.49 -14.71
CA LEU A 10 3.97 1.14 -15.22
C LEU A 10 4.96 0.76 -14.13
N LEU A 11 5.34 -0.52 -14.10
CA LEU A 11 6.30 -1.00 -13.12
C LEU A 11 7.66 -1.09 -13.76
N PHE A 12 8.69 -0.95 -12.94
CA PHE A 12 10.07 -1.10 -13.35
C PHE A 12 10.79 -1.54 -12.12
N ASN A 13 12.01 -2.04 -12.34
CA ASN A 13 12.81 -2.54 -11.25
C ASN A 13 13.10 -1.54 -10.14
N LYS A 14 12.90 -1.98 -8.90
CA LYS A 14 12.95 -1.12 -7.75
C LYS A 14 11.99 0.08 -7.72
N PHE A 15 10.75 -0.10 -8.16
CA PHE A 15 9.71 0.85 -7.82
C PHE A 15 9.43 0.88 -6.31
N GLU A 16 8.82 1.96 -5.85
CA GLU A 16 8.45 2.10 -4.45
C GLU A 16 7.09 1.42 -4.28
N THR A 17 7.03 0.43 -3.38
CA THR A 17 5.78 -0.33 -3.18
C THR A 17 4.53 0.55 -2.97
N LEU A 18 4.59 1.46 -2.01
CA LEU A 18 3.41 2.26 -1.67
C LEU A 18 3.07 3.30 -2.73
N ASP A 19 4.05 3.76 -3.50
CA ASP A 19 3.74 4.61 -4.68
C ASP A 19 2.71 3.95 -5.55
N VAL A 20 2.87 2.65 -5.69
CA VAL A 20 1.99 1.86 -6.56
C VAL A 20 0.76 1.37 -5.79
N PHE A 21 0.93 0.73 -4.63
CA PHE A 21 -0.22 0.01 -4.09
C PHE A 21 -1.23 0.83 -3.30
N GLY A 22 -0.81 2.03 -2.87
CA GLY A 22 -1.74 2.94 -2.26
C GLY A 22 -2.81 3.30 -3.27
N PRO A 23 -2.40 3.87 -4.40
CA PRO A 23 -3.36 4.23 -5.47
C PRO A 23 -4.08 3.02 -6.04
N VAL A 24 -3.40 1.90 -6.15
CA VAL A 24 -4.08 0.73 -6.69
C VAL A 24 -5.27 0.35 -5.78
N GLU A 25 -5.07 0.49 -4.48
CA GLU A 25 -6.17 0.19 -3.51
C GLU A 25 -7.35 1.07 -3.87
N ILE A 26 -7.09 2.34 -4.12
CA ILE A 26 -8.19 3.25 -4.50
C ILE A 26 -8.87 2.86 -5.82
N PHE A 27 -8.15 2.96 -6.94
CA PHE A 27 -8.66 2.57 -8.28
C PHE A 27 -9.30 1.20 -8.32
N GLY A 28 -8.65 0.23 -7.66
CA GLY A 28 -9.10 -1.14 -7.69
C GLY A 28 -10.38 -1.31 -6.91
N ASN A 29 -10.80 -0.24 -6.23
CA ASN A 29 -12.08 -0.24 -5.56
C ASN A 29 -13.20 0.31 -6.44
N LEU A 30 -12.88 0.67 -7.68
CA LEU A 30 -13.87 1.15 -8.65
C LEU A 30 -13.80 0.36 -9.92
N GLN A 31 -14.06 -0.94 -9.82
CA GLN A 31 -13.78 -1.83 -10.91
C GLN A 31 -14.79 -1.73 -12.05
N ASP A 32 -15.83 -0.92 -11.88
CA ASP A 32 -16.75 -0.65 -13.00
C ASP A 32 -16.30 0.55 -13.82
N ASP A 33 -15.43 1.38 -13.23
CA ASP A 33 -14.92 2.57 -13.92
C ASP A 33 -13.53 2.39 -14.52
N PHE A 34 -12.66 1.65 -13.82
CA PHE A 34 -11.29 1.46 -14.28
C PHE A 34 -10.92 -0.01 -14.36
N GLU A 35 -10.18 -0.36 -15.39
CA GLU A 35 -9.58 -1.67 -15.51
C GLU A 35 -8.11 -1.46 -15.21
N LEU A 36 -7.58 -2.22 -14.25
CA LEU A 36 -6.16 -2.12 -13.94
C LEU A 36 -5.30 -2.93 -14.90
N ASN A 37 -4.24 -2.33 -15.40
CA ASN A 37 -3.35 -3.09 -16.28
C ASN A 37 -1.93 -2.80 -15.90
N PHE A 38 -1.28 -3.79 -15.27
CA PHE A 38 0.08 -3.65 -14.81
C PHE A 38 1.03 -4.02 -15.94
N ILE A 39 1.87 -3.06 -16.33
CA ILE A 39 2.70 -3.30 -17.50
C ILE A 39 4.12 -3.05 -17.12
N SER A 40 5.03 -3.57 -17.94
CA SER A 40 6.42 -3.14 -17.82
C SER A 40 7.05 -3.24 -19.22
N SER A 41 8.33 -2.91 -19.35
CA SER A 41 8.93 -2.94 -20.70
C SER A 41 9.08 -4.36 -21.19
N ASP A 42 9.51 -5.26 -20.30
CA ASP A 42 9.71 -6.68 -20.63
C ASP A 42 8.48 -7.54 -20.42
N GLY A 43 7.69 -7.24 -19.39
CA GLY A 43 6.56 -8.07 -19.03
C GLY A 43 7.00 -9.05 -17.96
N GLY A 44 6.11 -9.94 -17.53
CA GLY A 44 6.47 -10.83 -16.41
C GLY A 44 6.69 -10.10 -15.09
N LEU A 45 7.39 -10.79 -14.17
CA LEU A 45 7.57 -10.33 -12.80
C LEU A 45 8.49 -9.12 -12.68
N VAL A 46 8.01 -8.07 -12.00
CA VAL A 46 8.88 -6.91 -11.68
C VAL A 46 9.03 -6.76 -10.18
N GLU A 47 10.24 -6.54 -9.70
CA GLU A 47 10.44 -6.46 -8.26
C GLU A 47 10.59 -5.03 -7.70
N SER A 48 9.89 -4.76 -6.62
CA SER A 48 9.96 -3.51 -5.90
C SER A 48 11.18 -3.47 -5.02
N SER A 49 11.47 -2.29 -4.52
CA SER A 49 12.60 -2.05 -3.68
C SER A 49 12.45 -2.73 -2.36
N GLN A 50 11.22 -3.03 -2.00
CA GLN A 50 10.91 -3.73 -0.80
C GLN A 50 10.76 -5.22 -1.05
N LYS A 51 11.14 -5.68 -2.23
CA LYS A 51 11.11 -7.10 -2.55
C LYS A 51 9.80 -7.74 -2.93
N VAL A 52 8.85 -6.97 -3.37
CA VAL A 52 7.61 -7.49 -3.84
C VAL A 52 7.75 -7.77 -5.32
N ARG A 53 7.42 -8.97 -5.74
CA ARG A 53 7.42 -9.35 -7.14
C ARG A 53 5.99 -9.43 -7.65
N VAL A 54 5.70 -8.66 -8.67
CA VAL A 54 4.36 -8.41 -9.11
C VAL A 54 4.37 -8.78 -10.55
N GLU A 55 3.25 -9.30 -11.06
CA GLU A 55 3.25 -9.73 -12.42
C GLU A 55 2.77 -8.62 -13.33
N THR A 56 3.42 -8.51 -14.48
CA THR A 56 3.05 -7.49 -15.45
C THR A 56 2.97 -8.11 -16.81
N SER A 57 2.27 -7.40 -17.69
CA SER A 57 2.23 -7.76 -19.10
C SER A 57 2.81 -6.63 -19.96
N LEU A 58 2.92 -6.86 -21.26
CA LEU A 58 3.40 -5.81 -22.16
C LEU A 58 2.28 -4.81 -22.45
N TYR A 59 2.65 -3.58 -22.73
CA TYR A 59 1.66 -2.59 -23.11
C TYR A 59 1.05 -3.00 -24.41
N THR A 60 -0.25 -2.82 -24.54
CA THR A 60 -0.91 -3.15 -25.77
C THR A 60 -1.88 -2.08 -26.17
N ARG A 61 -1.90 -1.75 -27.46
CA ARG A 61 -2.78 -0.74 -28.02
C ARG A 61 -4.19 -1.18 -28.07
N ASP A 62 -5.10 -0.26 -27.75
CA ASP A 62 -6.51 -0.47 -27.92
C ASP A 62 -7.06 0.89 -28.25
N GLU A 63 -8.04 0.98 -29.13
CA GLU A 63 -8.62 2.31 -29.37
C GLU A 63 -10.09 2.35 -28.97
N ASN A 64 -10.57 1.27 -28.39
CA ASN A 64 -11.94 1.21 -27.94
C ASN A 64 -12.09 1.79 -26.54
N ILE A 65 -10.96 2.07 -25.88
CA ILE A 65 -10.99 2.57 -24.50
C ILE A 65 -9.98 3.65 -24.19
N GLU A 66 -10.37 4.66 -23.43
CA GLU A 66 -9.44 5.72 -23.02
C GLU A 66 -8.47 5.23 -21.93
N LYS A 67 -7.28 5.78 -21.94
CA LYS A 67 -6.24 5.28 -21.08
C LYS A 67 -5.73 6.29 -20.09
N ILE A 68 -5.23 5.80 -18.98
CA ILE A 68 -4.63 6.63 -17.94
C ILE A 68 -3.25 6.03 -17.75
N LEU A 69 -2.20 6.83 -17.87
CA LEU A 69 -0.84 6.33 -17.61
C LEU A 69 -0.38 6.72 -16.20
N PHE A 70 -0.03 5.72 -15.39
CA PHE A 70 0.37 5.91 -13.99
C PHE A 70 1.83 5.57 -13.78
N VAL A 71 2.58 6.51 -13.23
CA VAL A 71 4.01 6.31 -13.10
C VAL A 71 4.55 6.52 -11.69
N PRO A 72 5.02 5.44 -11.06
CA PRO A 72 5.54 5.57 -9.69
C PRO A 72 7.00 6.02 -9.64
N GLY A 73 7.43 6.35 -8.44
CA GLY A 73 8.84 6.65 -8.16
C GLY A 73 9.50 5.41 -7.56
N GLY A 74 10.54 5.63 -6.77
CA GLY A 74 11.38 4.58 -6.19
C GLY A 74 12.81 4.73 -6.70
N SER A 75 13.77 4.19 -5.94
CA SER A 75 15.19 4.04 -6.36
C SER A 75 15.36 3.75 -7.81
N GLY A 76 14.56 2.84 -8.32
CA GLY A 76 14.71 2.44 -9.69
C GLY A 76 14.74 3.61 -10.66
N THR A 77 14.17 4.76 -10.27
CA THR A 77 14.09 5.89 -11.23
C THR A 77 15.48 6.46 -11.51
N ARG A 78 16.43 6.36 -10.59
CA ARG A 78 17.72 6.97 -10.84
C ARG A 78 18.38 6.35 -12.02
N GLU A 79 18.42 5.05 -12.07
CA GLU A 79 18.92 4.39 -13.26
C GLU A 79 17.99 4.57 -14.46
N LYS A 80 16.69 4.52 -14.21
CA LYS A 80 15.73 4.55 -15.29
C LYS A 80 15.63 5.90 -16.05
N VAL A 81 16.00 7.01 -15.42
CA VAL A 81 15.98 8.26 -16.19
C VAL A 81 16.89 8.19 -17.43
N ASN A 82 17.94 7.37 -17.36
CA ASN A 82 18.90 7.15 -18.47
C ASN A 82 18.40 6.37 -19.69
N ASP A 83 17.41 5.50 -19.52
CA ASP A 83 17.02 4.66 -20.63
C ASP A 83 16.30 5.45 -21.72
N ASP A 84 17.07 5.93 -22.67
CA ASP A 84 16.50 6.64 -23.80
C ASP A 84 15.25 5.93 -24.28
N ASN A 85 15.34 4.60 -24.38
CA ASN A 85 14.22 3.82 -24.84
C ASN A 85 13.04 3.92 -23.89
N PHE A 86 13.32 3.64 -22.62
CA PHE A 86 12.31 3.72 -21.58
C PHE A 86 11.58 5.06 -21.71
N ILE A 87 12.34 6.15 -21.63
CA ILE A 87 11.74 7.48 -21.77
C ILE A 87 10.91 7.62 -23.04
N ASN A 88 11.41 7.08 -24.15
CA ASN A 88 10.66 7.26 -25.40
C ASN A 88 9.37 6.42 -25.41
N PHE A 89 9.50 5.28 -24.75
CA PHE A 89 8.41 4.38 -24.42
C PHE A 89 7.30 5.13 -23.65
N ILE A 90 7.69 5.77 -22.57
CA ILE A 90 6.78 6.60 -21.79
C ILE A 90 6.12 7.68 -22.64
N GLY A 91 6.95 8.53 -23.27
CA GLY A 91 6.45 9.54 -24.22
C GLY A 91 5.45 8.96 -25.22
N ASN A 92 5.81 7.85 -25.83
CA ASN A 92 4.89 7.18 -26.72
C ASN A 92 3.58 6.90 -26.01
N MET A 93 3.68 6.35 -24.80
CA MET A 93 2.45 6.06 -24.03
C MET A 93 1.71 7.34 -23.67
N VAL A 94 2.44 8.36 -23.19
CA VAL A 94 1.80 9.63 -22.85
C VAL A 94 1.03 10.21 -24.04
N LYS A 95 1.69 10.26 -25.20
CA LYS A 95 1.03 10.77 -26.39
C LYS A 95 -0.35 10.14 -26.56
N GLU A 96 -0.51 8.94 -26.03
CA GLU A 96 -1.72 8.16 -26.29
C GLU A 96 -2.75 8.15 -25.13
N SER A 97 -2.42 8.78 -24.00
CA SER A 97 -3.26 8.67 -22.81
C SER A 97 -4.15 9.89 -22.64
N LYS A 98 -5.27 9.71 -21.93
CA LYS A 98 -6.17 10.81 -21.61
C LYS A 98 -5.74 11.51 -20.33
N TYR A 99 -5.04 10.77 -19.47
CA TYR A 99 -4.54 11.35 -18.22
C TYR A 99 -3.17 10.79 -17.90
N ILE A 100 -2.37 11.61 -17.23
CA ILE A 100 -1.06 11.18 -16.82
C ILE A 100 -0.95 11.44 -15.33
N ILE A 101 -0.55 10.41 -14.60
CA ILE A 101 -0.42 10.51 -13.15
C ILE A 101 0.91 9.98 -12.66
N SER A 102 1.52 10.68 -11.70
CA SER A 102 2.79 10.25 -11.18
C SER A 102 2.78 10.39 -9.65
N VAL A 103 3.58 9.59 -8.97
CA VAL A 103 3.77 9.73 -7.55
C VAL A 103 5.26 9.79 -7.35
N CYS A 104 5.72 10.62 -6.42
CA CYS A 104 7.12 10.59 -6.00
C CYS A 104 8.03 10.90 -7.22
N THR A 105 9.20 10.25 -7.34
CA THR A 105 10.11 10.50 -8.50
C THR A 105 9.59 10.04 -9.85
N GLY A 106 8.42 9.41 -9.86
CA GLY A 106 7.76 9.15 -11.11
C GLY A 106 7.77 10.39 -12.00
N SER A 107 7.81 11.57 -11.39
CA SER A 107 7.71 12.78 -12.24
C SER A 107 9.06 13.17 -12.83
N ALA A 108 10.14 12.62 -12.29
CA ALA A 108 11.48 12.70 -12.91
C ALA A 108 11.47 12.02 -14.27
N LEU A 109 10.66 10.98 -14.40
CA LEU A 109 10.55 10.22 -15.65
C LEU A 109 9.61 10.92 -16.59
N LEU A 110 8.50 11.43 -16.05
CA LEU A 110 7.56 12.16 -16.89
C LEU A 110 8.26 13.39 -17.47
N SER A 111 9.09 14.00 -16.64
CA SER A 111 9.82 15.19 -16.98
C SER A 111 10.79 14.88 -18.11
N LYS A 112 11.59 13.82 -17.92
CA LYS A 112 12.55 13.39 -18.90
C LYS A 112 11.89 13.24 -20.27
N ALA A 113 10.66 12.74 -20.29
CA ALA A 113 9.89 12.72 -21.53
C ALA A 113 9.47 14.12 -21.98
N GLY A 114 9.85 15.14 -21.20
CA GLY A 114 9.56 16.54 -21.52
C GLY A 114 8.08 16.87 -21.45
N ILE A 115 7.29 15.91 -20.96
CA ILE A 115 5.86 16.06 -20.85
C ILE A 115 5.48 17.17 -19.88
N LEU A 116 6.42 17.52 -19.00
CA LEU A 116 6.14 18.46 -17.94
C LEU A 116 6.56 19.89 -18.30
N ASN A 117 7.22 20.03 -19.44
CA ASN A 117 7.67 21.35 -19.87
C ASN A 117 6.53 22.37 -19.96
N GLY A 118 6.61 23.38 -19.10
CA GLY A 118 5.62 24.45 -19.09
C GLY A 118 4.52 24.18 -18.09
N LYS A 119 4.55 22.99 -17.48
CA LYS A 119 3.46 22.60 -16.58
C LYS A 119 3.84 22.71 -15.12
N ARG A 120 2.85 22.94 -14.27
CA ARG A 120 3.07 22.92 -12.82
C ARG A 120 3.11 21.44 -12.38
N ALA A 121 4.04 21.09 -11.51
CA ALA A 121 4.21 19.69 -11.14
C ALA A 121 4.99 19.69 -9.85
N THR A 122 5.02 18.54 -9.18
CA THR A 122 5.79 18.45 -7.94
C THR A 122 6.39 17.05 -7.87
N THR A 123 7.06 16.73 -6.77
CA THR A 123 7.66 15.42 -6.59
C THR A 123 7.91 15.31 -5.11
N ASN A 124 8.37 14.17 -4.62
CA ASN A 124 8.49 14.06 -3.17
C ASN A 124 9.54 15.03 -2.67
N LYS A 125 9.42 15.38 -1.39
CA LYS A 125 10.22 16.47 -0.89
C LYS A 125 11.67 16.04 -0.70
N ARG A 126 11.86 14.80 -0.29
CA ARG A 126 13.18 14.28 -0.05
CA ARG A 126 13.18 14.29 -0.05
C ARG A 126 14.02 14.27 -1.30
N SER A 127 13.39 14.10 -2.46
CA SER A 127 14.13 14.07 -3.74
C SER A 127 13.96 15.31 -4.61
N PHE A 128 13.46 16.39 -4.02
CA PHE A 128 13.06 17.56 -4.80
C PHE A 128 14.22 18.16 -5.62
N LYS A 129 15.31 18.46 -4.94
CA LYS A 129 16.54 18.94 -5.59
CA LYS A 129 16.54 18.94 -5.59
C LYS A 129 16.92 18.10 -6.82
N TRP A 130 17.15 16.81 -6.58
CA TRP A 130 17.56 15.88 -7.63
C TRP A 130 16.60 15.87 -8.81
N VAL A 131 15.30 15.78 -8.52
CA VAL A 131 14.36 15.81 -9.62
C VAL A 131 14.39 17.18 -10.32
N THR A 132 14.28 18.25 -9.54
CA THR A 132 14.09 19.59 -10.09
C THR A 132 15.23 20.09 -10.91
N GLU A 133 16.43 19.80 -10.49
CA GLU A 133 17.58 20.25 -11.22
C GLU A 133 17.74 19.56 -12.53
N GLN A 134 17.05 18.47 -12.76
CA GLN A 134 17.13 17.83 -14.05
C GLN A 134 16.52 18.64 -15.15
N ASN A 135 15.46 19.37 -14.83
CA ASN A 135 14.78 20.14 -15.83
C ASN A 135 14.34 21.45 -15.23
N GLU A 136 14.87 22.57 -15.71
CA GLU A 136 14.47 23.85 -15.14
C GLU A 136 13.28 24.38 -15.88
N ASP A 137 12.87 23.70 -16.94
CA ASP A 137 11.76 24.13 -17.76
C ASP A 137 10.38 23.75 -17.26
N VAL A 138 10.33 23.01 -16.16
CA VAL A 138 9.09 22.63 -15.53
C VAL A 138 8.85 23.63 -14.44
N LEU A 139 7.61 24.01 -14.22
CA LEU A 139 7.33 24.89 -13.12
C LEU A 139 7.08 24.06 -11.86
N TRP A 140 8.16 23.65 -11.20
CA TRP A 140 8.07 22.85 -9.99
C TRP A 140 7.44 23.61 -8.83
N VAL A 141 6.48 22.98 -8.17
CA VAL A 141 5.85 23.56 -6.99
C VAL A 141 6.39 22.86 -5.74
N LYS A 142 7.19 23.56 -4.93
CA LYS A 142 7.85 22.94 -3.77
C LYS A 142 6.90 22.47 -2.66
N GLU A 143 5.93 23.30 -2.32
CA GLU A 143 5.14 23.07 -1.10
C GLU A 143 3.89 22.19 -1.27
N ALA A 144 3.58 21.83 -2.51
CA ALA A 144 2.37 21.06 -2.83
C ALA A 144 2.51 19.59 -2.49
N ARG A 145 1.43 19.01 -1.98
CA ARG A 145 1.31 17.57 -1.88
C ARG A 145 1.01 16.93 -3.25
N TRP A 146 0.23 17.62 -4.07
CA TRP A 146 0.08 17.22 -5.46
C TRP A 146 -0.42 18.41 -6.28
N VAL A 147 -0.31 18.27 -7.58
CA VAL A 147 -0.55 19.38 -8.47
C VAL A 147 -1.28 18.90 -9.69
N LYS A 148 -2.40 19.54 -9.99
CA LYS A 148 -3.16 19.22 -11.18
C LYS A 148 -2.86 20.27 -12.23
N ASP A 149 -2.29 19.86 -13.35
CA ASP A 149 -2.19 20.81 -14.44
C ASP A 149 -2.76 20.21 -15.70
N GLY A 150 -4.04 20.50 -15.93
CA GLY A 150 -4.78 19.97 -17.06
C GLY A 150 -5.18 18.54 -16.75
N ASN A 151 -4.74 17.64 -17.61
CA ASN A 151 -4.96 16.21 -17.50
C ASN A 151 -3.72 15.55 -16.84
N ILE A 152 -2.83 16.37 -16.29
CA ILE A 152 -1.64 15.84 -15.65
C ILE A 152 -1.69 16.01 -14.13
N TYR A 153 -1.47 14.91 -13.40
CA TYR A 153 -1.52 14.98 -11.93
C TYR A 153 -0.23 14.42 -11.38
N THR A 154 0.47 15.19 -10.58
CA THR A 154 1.66 14.71 -9.94
C THR A 154 1.61 14.87 -8.44
N SER A 155 2.26 13.98 -7.74
CA SER A 155 2.22 13.95 -6.31
C SER A 155 3.59 13.83 -5.69
N SER A 156 3.65 14.04 -4.40
CA SER A 156 4.88 14.00 -3.69
C SER A 156 5.15 12.64 -3.10
N GLY A 157 5.12 12.55 -1.78
CA GLY A 157 5.38 11.34 -1.03
C GLY A 157 4.22 10.38 -0.98
N VAL A 158 4.37 9.27 -0.27
CA VAL A 158 3.41 8.20 -0.32
C VAL A 158 2.02 8.60 0.12
N SER A 159 1.91 9.39 1.15
CA SER A 159 0.57 9.84 1.61
C SER A 159 -0.06 10.78 0.56
N ALA A 160 0.75 11.68 0.03
CA ALA A 160 0.30 12.55 -1.08
C ALA A 160 -0.19 11.71 -2.23
N GLY A 161 0.52 10.62 -2.51
CA GLY A 161 0.18 9.72 -3.60
C GLY A 161 -1.22 9.15 -3.46
N ILE A 162 -1.56 8.67 -2.27
CA ILE A 162 -2.90 8.18 -2.07
C ILE A 162 -3.93 9.30 -2.06
N ASP A 163 -3.63 10.42 -1.41
CA ASP A 163 -4.61 11.49 -1.28
C ASP A 163 -4.87 12.11 -2.67
N MET A 164 -3.83 12.20 -3.49
CA MET A 164 -3.99 12.64 -4.91
CA MET A 164 -3.95 12.64 -4.88
C MET A 164 -4.88 11.70 -5.67
N THR A 165 -4.74 10.40 -5.43
CA THR A 165 -5.58 9.48 -6.17
C THR A 165 -7.06 9.71 -5.85
N LEU A 166 -7.37 9.90 -4.57
CA LEU A 166 -8.74 10.22 -4.20
C LEU A 166 -9.23 11.55 -4.82
N GLY A 167 -8.36 12.56 -4.84
CA GLY A 167 -8.65 13.82 -5.52
C GLY A 167 -8.92 13.63 -6.99
N PHE A 168 -8.12 12.79 -7.63
CA PHE A 168 -8.34 12.42 -9.03
C PHE A 168 -9.70 11.75 -9.23
N ILE A 169 -10.05 10.80 -8.36
CA ILE A 169 -11.36 10.16 -8.39
C ILE A 169 -12.48 11.21 -8.22
N GLU A 170 -12.30 12.14 -7.29
CA GLU A 170 -13.23 13.26 -7.13
C GLU A 170 -13.40 14.06 -8.44
N ASP A 171 -12.29 14.43 -9.07
CA ASP A 171 -12.38 15.24 -10.27
C ASP A 171 -13.10 14.50 -11.35
N LEU A 172 -12.84 13.21 -11.44
CA LEU A 172 -13.22 12.45 -12.61
C LEU A 172 -14.57 11.79 -12.45
N ILE A 173 -14.94 11.48 -11.22
CA ILE A 173 -16.08 10.63 -10.98
C ILE A 173 -17.05 11.25 -9.99
N GLY A 174 -16.60 12.27 -9.24
CA GLY A 174 -17.45 12.87 -8.19
C GLY A 174 -16.98 12.62 -6.78
N LYS A 175 -17.13 13.62 -5.93
CA LYS A 175 -16.59 13.55 -4.58
C LYS A 175 -17.24 12.50 -3.70
N GLU A 176 -18.52 12.23 -3.93
CA GLU A 176 -19.20 11.24 -3.10
C GLU A 176 -18.57 9.85 -3.23
N LYS A 177 -18.14 9.52 -4.44
CA LYS A 177 -17.56 8.22 -4.71
C LYS A 177 -16.21 8.13 -3.99
N ALA A 178 -15.48 9.25 -3.95
CA ALA A 178 -14.20 9.31 -3.27
C ALA A 178 -14.36 9.07 -1.77
N LEU A 179 -15.27 9.82 -1.14
CA LEU A 179 -15.54 9.63 0.30
C LEU A 179 -16.02 8.24 0.58
N GLU A 180 -16.85 7.72 -0.32
CA GLU A 180 -17.36 6.36 -0.19
C GLU A 180 -16.21 5.35 -0.05
N ILE A 181 -15.27 5.40 -0.98
CA ILE A 181 -14.14 4.49 -0.98
C ILE A 181 -13.37 4.65 0.30
N SER A 182 -13.02 5.88 0.61
CA SER A 182 -12.21 6.14 1.79
C SER A 182 -12.88 5.61 3.05
N ARG A 183 -14.19 5.75 3.13
CA ARG A 183 -14.92 5.22 4.29
C ARG A 183 -14.98 3.71 4.31
N SER A 184 -15.17 3.06 3.15
CA SER A 184 -15.27 1.59 3.18
C SER A 184 -13.94 0.86 3.46
N ILE A 185 -12.83 1.39 2.95
CA ILE A 185 -11.54 0.78 3.24
C ILE A 185 -10.96 1.36 4.52
N GLU A 186 -11.60 2.40 5.07
CA GLU A 186 -11.16 3.10 6.29
C GLU A 186 -9.76 3.71 6.19
N TYR A 187 -9.61 4.53 5.15
CA TYR A 187 -8.40 5.26 4.94
C TYR A 187 -8.64 6.72 5.28
N PHE A 188 -7.84 7.28 6.18
CA PHE A 188 -8.04 8.69 6.51
C PHE A 188 -7.53 9.62 5.39
N TRP A 189 -8.45 10.27 4.71
CA TRP A 189 -8.09 11.02 3.52
C TRP A 189 -7.81 12.48 3.86
N ASN A 190 -6.56 12.92 3.67
CA ASN A 190 -6.18 14.30 3.86
CA ASN A 190 -6.25 14.34 3.85
C ASN A 190 -6.44 15.10 2.56
N GLU A 191 -7.58 15.77 2.47
CA GLU A 191 -8.00 16.47 1.26
C GLU A 191 -7.19 17.67 0.77
N ASP A 192 -6.43 18.30 1.68
CA ASP A 192 -5.63 19.47 1.33
CA ASP A 192 -5.63 19.47 1.35
C ASP A 192 -4.47 19.11 0.39
N SER A 193 -4.52 19.64 -0.81
CA SER A 193 -3.48 19.35 -1.79
C SER A 193 -2.34 20.35 -1.73
N ASN A 194 -2.39 21.27 -0.75
CA ASN A 194 -1.60 22.49 -0.81
C ASN A 194 -0.39 22.65 0.07
N TYR A 195 -0.45 22.24 1.33
CA TYR A 195 0.73 22.40 2.15
C TYR A 195 1.36 21.10 2.65
N ASP A 196 2.40 20.67 1.96
CA ASP A 196 3.06 19.42 2.30
C ASP A 196 3.88 19.60 3.59
N PRO A 197 3.49 18.94 4.70
CA PRO A 197 4.31 19.17 5.88
C PRO A 197 5.78 18.72 5.70
N PHE A 198 6.05 17.89 4.70
CA PHE A 198 7.40 17.37 4.51
C PHE A 198 8.32 18.36 3.76
N SER A 199 7.72 19.42 3.21
CA SER A 199 8.49 20.52 2.62
C SER A 199 9.39 21.16 3.68
N LYS A 200 8.87 21.25 4.92
CA LYS A 200 9.57 21.85 6.06
C LYS A 200 10.96 21.28 6.24
N ILE A 201 11.05 19.95 6.24
CA ILE A 201 12.32 19.27 6.43
C ILE A 201 13.42 19.83 5.53
N TYR A 202 13.10 20.02 4.25
CA TYR A 202 14.12 20.42 3.26
C TYR A 202 13.98 21.88 2.85
N SER B 2 21.38 -14.70 8.39
CA SER B 2 20.21 -14.66 9.25
C SER B 2 20.17 -13.48 10.16
N LEU B 3 19.14 -12.68 9.95
CA LEU B 3 18.86 -11.51 10.72
C LEU B 3 18.02 -11.87 11.93
N SER B 4 17.51 -10.86 12.60
CA SER B 4 16.74 -11.07 13.78
C SER B 4 15.36 -11.61 13.53
N TYR B 5 14.73 -11.18 12.44
CA TYR B 5 13.32 -11.44 12.26
C TYR B 5 12.94 -11.87 10.86
N ARG B 6 12.03 -12.83 10.78
CA ARG B 6 11.42 -13.17 9.51
C ARG B 6 9.95 -12.82 9.57
N ILE B 7 9.54 -11.95 8.65
CA ILE B 7 8.13 -11.61 8.55
C ILE B 7 7.53 -12.51 7.48
N ASP B 8 6.62 -13.35 7.93
CA ASP B 8 5.86 -14.20 7.04
C ASP B 8 4.57 -13.50 6.69
N VAL B 9 4.58 -12.84 5.53
CA VAL B 9 3.41 -12.14 5.03
C VAL B 9 2.46 -13.14 4.36
N LEU B 10 1.33 -13.44 5.00
CA LEU B 10 0.43 -14.43 4.47
C LEU B 10 -0.47 -13.81 3.41
N LEU B 11 -0.36 -14.28 2.17
CA LEU B 11 -1.31 -13.85 1.17
C LEU B 11 -2.26 -14.99 0.88
N PHE B 12 -3.50 -14.65 0.52
CA PHE B 12 -4.43 -15.65 0.05
C PHE B 12 -5.25 -14.96 -1.00
N ASN B 13 -5.96 -15.75 -1.79
CA ASN B 13 -6.87 -15.28 -2.84
C ASN B 13 -7.86 -14.24 -2.34
N LYS B 14 -7.81 -13.09 -2.98
CA LYS B 14 -8.68 -11.99 -2.63
C LYS B 14 -8.35 -11.29 -1.29
N PHE B 15 -7.06 -11.15 -1.04
CA PHE B 15 -6.62 -10.28 0.05
C PHE B 15 -6.76 -8.82 -0.34
N GLU B 16 -6.87 -7.94 0.65
CA GLU B 16 -6.96 -6.51 0.41
C GLU B 16 -5.58 -5.94 0.15
N THR B 17 -5.43 -5.21 -0.92
CA THR B 17 -4.12 -4.76 -1.35
C THR B 17 -3.38 -3.90 -0.34
N LEU B 18 -4.03 -2.88 0.20
CA LEU B 18 -3.40 -1.99 1.15
C LEU B 18 -3.10 -2.58 2.52
N ASP B 19 -3.89 -3.55 2.94
CA ASP B 19 -3.69 -4.21 4.22
C ASP B 19 -2.32 -4.82 4.21
N VAL B 20 -1.91 -5.33 3.07
CA VAL B 20 -0.60 -5.91 2.93
C VAL B 20 0.48 -4.92 2.55
N PHE B 21 0.26 -4.13 1.53
CA PHE B 21 1.29 -3.23 1.04
C PHE B 21 1.70 -1.99 1.80
N GLY B 22 0.84 -1.44 2.61
CA GLY B 22 1.28 -0.35 3.44
C GLY B 22 2.28 -0.81 4.47
N PRO B 23 1.97 -1.89 5.14
CA PRO B 23 2.86 -2.42 6.16
C PRO B 23 4.14 -2.91 5.55
N VAL B 24 4.06 -3.52 4.39
CA VAL B 24 5.22 -4.00 3.72
C VAL B 24 6.11 -2.83 3.41
N GLU B 25 5.54 -1.70 3.04
CA GLU B 25 6.32 -0.53 2.75
C GLU B 25 7.12 -0.13 3.97
N ILE B 26 6.53 -0.19 5.15
CA ILE B 26 7.28 0.06 6.36
C ILE B 26 8.33 -1.01 6.71
N PHE B 27 7.94 -2.27 6.80
CA PHE B 27 8.89 -3.36 7.08
C PHE B 27 10.01 -3.49 6.05
N GLY B 28 9.65 -3.28 4.78
CA GLY B 28 10.57 -3.42 3.66
C GLY B 28 11.58 -2.29 3.65
N ASN B 29 11.44 -1.34 4.58
CA ASN B 29 12.43 -0.31 4.69
C ASN B 29 13.36 -0.48 5.88
N LEU B 30 13.27 -1.64 6.54
CA LEU B 30 14.20 -2.02 7.59
C LEU B 30 14.85 -3.35 7.25
N GLN B 31 15.62 -3.36 6.17
CA GLN B 31 16.11 -4.61 5.63
C GLN B 31 17.27 -5.28 6.38
N ASP B 32 17.94 -4.54 7.26
CA ASP B 32 18.94 -5.17 8.13
C ASP B 32 18.28 -5.72 9.37
N ASP B 33 16.98 -5.49 9.50
CA ASP B 33 16.29 -5.93 10.69
C ASP B 33 15.36 -7.09 10.36
N PHE B 34 14.64 -6.93 9.25
CA PHE B 34 13.60 -7.89 8.87
C PHE B 34 13.85 -8.54 7.52
N GLU B 35 13.70 -9.87 7.50
CA GLU B 35 13.58 -10.66 6.29
C GLU B 35 12.10 -10.78 5.91
N LEU B 36 11.75 -10.17 4.77
CA LEU B 36 10.40 -10.29 4.20
C LEU B 36 10.22 -11.59 3.43
N ASN B 37 9.22 -12.35 3.83
CA ASN B 37 8.93 -13.61 3.18
C ASN B 37 7.42 -13.65 2.81
N PHE B 38 7.09 -13.51 1.52
CA PHE B 38 5.70 -13.66 1.06
C PHE B 38 5.28 -15.13 0.86
N ILE B 39 4.32 -15.59 1.67
CA ILE B 39 3.93 -16.98 1.61
C ILE B 39 2.46 -17.09 1.28
N SER B 40 2.03 -18.29 0.88
CA SER B 40 0.60 -18.62 0.72
C SER B 40 0.50 -20.13 0.80
N SER B 41 -0.71 -20.65 0.88
CA SER B 41 -0.89 -22.10 0.98
C SER B 41 -0.31 -22.89 -0.20
N ASP B 42 -0.27 -22.29 -1.39
CA ASP B 42 0.13 -23.07 -2.55
C ASP B 42 1.43 -22.61 -3.19
N GLY B 43 1.97 -21.46 -2.76
CA GLY B 43 3.09 -20.85 -3.48
C GLY B 43 2.52 -20.32 -4.78
N GLY B 44 3.36 -19.79 -5.67
CA GLY B 44 2.83 -19.24 -6.92
C GLY B 44 2.24 -17.85 -6.74
N LEU B 45 1.54 -17.36 -7.76
CA LEU B 45 1.00 -16.01 -7.70
C LEU B 45 -0.32 -15.96 -6.92
N VAL B 46 -0.48 -14.98 -6.06
CA VAL B 46 -1.79 -14.83 -5.43
C VAL B 46 -2.37 -13.50 -5.85
N GLU B 47 -3.64 -13.50 -6.21
CA GLU B 47 -4.30 -12.26 -6.61
C GLU B 47 -5.10 -11.59 -5.50
N SER B 48 -4.82 -10.31 -5.27
CA SER B 48 -5.61 -9.49 -4.36
C SER B 48 -6.99 -9.18 -4.95
N SER B 49 -7.84 -8.54 -4.17
CA SER B 49 -9.20 -8.24 -4.54
C SER B 49 -9.21 -7.10 -5.55
N GLN B 50 -8.08 -6.43 -5.70
CA GLN B 50 -8.03 -5.32 -6.63
C GLN B 50 -7.21 -5.72 -7.85
N LYS B 51 -7.06 -7.02 -8.03
CA LYS B 51 -6.38 -7.61 -9.16
C LYS B 51 -4.88 -7.49 -9.29
N VAL B 52 -4.14 -7.41 -8.21
CA VAL B 52 -2.69 -7.47 -8.34
C VAL B 52 -2.21 -8.90 -8.03
N ARG B 53 -1.35 -9.42 -8.89
CA ARG B 53 -0.81 -10.73 -8.65
C ARG B 53 0.61 -10.65 -8.13
N VAL B 54 0.84 -11.29 -6.98
CA VAL B 54 2.12 -11.23 -6.29
C VAL B 54 2.69 -12.63 -6.20
N GLU B 55 3.98 -12.79 -6.44
CA GLU B 55 4.66 -14.05 -6.30
C GLU B 55 4.85 -14.42 -4.85
N THR B 56 4.58 -15.65 -4.51
CA THR B 56 4.73 -16.11 -3.16
C THR B 56 5.43 -17.42 -3.12
N SER B 57 5.84 -17.83 -1.94
CA SER B 57 6.39 -19.13 -1.70
C SER B 57 5.73 -19.80 -0.52
N LEU B 58 6.09 -21.04 -0.31
CA LEU B 58 5.57 -21.84 0.79
C LEU B 58 6.15 -21.50 2.14
N TYR B 59 5.36 -21.67 3.18
CA TYR B 59 5.86 -21.48 4.51
C TYR B 59 6.81 -22.58 4.88
N THR B 60 7.94 -22.24 5.47
CA THR B 60 8.85 -23.23 5.99
C THR B 60 9.21 -22.91 7.41
N ARG B 61 9.46 -23.96 8.17
CA ARG B 61 9.81 -23.84 9.56
C ARG B 61 11.30 -23.55 9.75
N ASP B 62 11.59 -22.68 10.71
CA ASP B 62 12.96 -22.43 11.19
C ASP B 62 12.99 -22.41 12.71
N GLU B 63 13.80 -23.27 13.29
CA GLU B 63 14.00 -23.31 14.71
C GLU B 63 14.68 -22.01 14.98
N ASN B 64 15.53 -21.69 14.01
CA ASN B 64 16.54 -20.65 13.99
C ASN B 64 16.25 -19.17 14.10
N ILE B 65 15.19 -18.70 13.49
CA ILE B 65 14.97 -17.27 13.43
C ILE B 65 13.64 -16.97 14.04
N GLU B 66 13.51 -15.80 14.63
CA GLU B 66 12.27 -15.38 15.24
C GLU B 66 11.30 -15.01 14.16
N LYS B 67 10.09 -15.53 14.26
CA LYS B 67 9.13 -15.34 13.21
C LYS B 67 7.91 -14.51 13.57
N ILE B 68 7.61 -13.58 12.70
CA ILE B 68 6.46 -12.69 12.81
C ILE B 68 5.47 -13.11 11.74
N LEU B 69 4.29 -13.57 12.14
CA LEU B 69 3.24 -13.94 11.19
C LEU B 69 2.33 -12.74 10.96
N PHE B 70 2.20 -12.33 9.70
CA PHE B 70 1.39 -11.18 9.34
C PHE B 70 0.20 -11.60 8.49
N VAL B 71 -1.01 -11.24 8.91
CA VAL B 71 -2.22 -11.79 8.33
C VAL B 71 -3.17 -10.66 7.95
N PRO B 72 -3.30 -10.42 6.63
CA PRO B 72 -4.11 -9.30 6.09
C PRO B 72 -5.62 -9.62 6.07
N GLY B 73 -6.46 -8.62 5.75
CA GLY B 73 -7.89 -8.87 5.57
C GLY B 73 -8.27 -8.92 4.09
N GLY B 74 -9.52 -8.59 3.79
CA GLY B 74 -10.06 -8.71 2.42
C GLY B 74 -11.24 -9.68 2.28
N SER B 75 -11.96 -9.55 1.17
CA SER B 75 -13.11 -10.40 0.79
C SER B 75 -12.85 -11.84 1.01
N GLY B 76 -11.65 -12.26 0.63
CA GLY B 76 -11.27 -13.65 0.69
C GLY B 76 -11.43 -14.25 2.10
N THR B 77 -11.48 -13.42 3.14
CA THR B 77 -11.70 -13.98 4.50
C THR B 77 -13.11 -14.58 4.65
N ARG B 78 -14.08 -14.02 3.91
CA ARG B 78 -15.46 -14.49 3.95
CA ARG B 78 -15.46 -14.48 4.00
C ARG B 78 -15.52 -16.00 3.78
N GLU B 79 -14.74 -16.51 2.83
CA GLU B 79 -14.66 -17.94 2.57
C GLU B 79 -13.54 -18.64 3.34
N LYS B 80 -12.44 -17.95 3.62
CA LYS B 80 -11.32 -18.55 4.34
CA LYS B 80 -11.35 -18.62 4.31
C LYS B 80 -11.70 -18.91 5.77
N VAL B 81 -12.62 -18.15 6.36
CA VAL B 81 -13.03 -18.50 7.73
C VAL B 81 -13.67 -19.89 7.74
N ASN B 82 -14.49 -20.16 6.73
CA ASN B 82 -15.26 -21.41 6.67
C ASN B 82 -14.48 -22.51 5.97
N ASP B 83 -13.17 -22.34 5.89
CA ASP B 83 -12.29 -23.33 5.31
C ASP B 83 -11.43 -23.90 6.44
N ASP B 84 -11.86 -25.04 6.96
CA ASP B 84 -11.14 -25.70 8.04
C ASP B 84 -9.69 -25.89 7.71
N ASN B 85 -9.40 -26.34 6.49
CA ASN B 85 -8.01 -26.63 6.13
C ASN B 85 -7.12 -25.38 6.17
N PHE B 86 -7.66 -24.25 5.72
CA PHE B 86 -6.91 -22.99 5.82
C PHE B 86 -6.70 -22.62 7.31
N ILE B 87 -7.77 -22.73 8.11
CA ILE B 87 -7.66 -22.38 9.53
C ILE B 87 -6.61 -23.22 10.27
N ASN B 88 -6.54 -24.52 9.96
CA ASN B 88 -5.43 -25.37 10.44
C ASN B 88 -4.07 -24.85 10.03
N PHE B 89 -3.96 -24.46 8.76
CA PHE B 89 -2.75 -23.81 8.24
C PHE B 89 -2.33 -22.64 9.15
N ILE B 90 -3.24 -21.70 9.35
CA ILE B 90 -2.88 -20.56 10.19
C ILE B 90 -2.41 -21.01 11.57
N GLY B 91 -3.21 -21.82 12.25
CA GLY B 91 -2.85 -22.27 13.61
C GLY B 91 -1.48 -22.91 13.67
N ASN B 92 -1.17 -23.73 12.67
CA ASN B 92 0.15 -24.30 12.53
C ASN B 92 1.23 -23.22 12.55
N MET B 93 1.01 -22.16 11.78
CA MET B 93 2.00 -21.09 11.70
C MET B 93 2.11 -20.28 13.00
N VAL B 94 0.96 -19.97 13.60
CA VAL B 94 0.95 -19.22 14.85
C VAL B 94 1.75 -19.94 15.94
N LYS B 95 1.45 -21.22 16.14
CA LYS B 95 2.11 -22.00 17.18
C LYS B 95 3.61 -21.78 17.20
N GLU B 96 4.15 -21.38 16.06
CA GLU B 96 5.59 -21.31 15.90
C GLU B 96 6.13 -19.88 15.89
N SER B 97 5.27 -18.87 15.95
CA SER B 97 5.73 -17.50 15.78
CA SER B 97 5.72 -17.49 15.78
C SER B 97 5.96 -16.76 17.10
N LYS B 98 6.89 -15.81 17.08
CA LYS B 98 7.13 -14.99 18.25
C LYS B 98 6.05 -13.91 18.34
N TYR B 99 5.77 -13.31 17.18
CA TYR B 99 4.83 -12.20 17.04
C TYR B 99 3.73 -12.48 16.03
N ILE B 100 2.57 -11.88 16.26
CA ILE B 100 1.43 -12.11 15.39
C ILE B 100 0.75 -10.78 15.13
N ILE B 101 0.58 -10.47 13.85
CA ILE B 101 0.06 -9.16 13.45
C ILE B 101 -1.07 -9.34 12.43
N SER B 102 -2.17 -8.59 12.61
CA SER B 102 -3.23 -8.68 11.64
C SER B 102 -3.83 -7.31 11.33
N VAL B 103 -4.43 -7.22 10.16
CA VAL B 103 -5.04 -5.99 9.75
C VAL B 103 -6.41 -6.34 9.26
N CYS B 104 -7.36 -5.47 9.55
CA CYS B 104 -8.69 -5.67 9.07
C CYS B 104 -9.25 -7.02 9.52
N THR B 105 -9.92 -7.71 8.60
CA THR B 105 -10.53 -8.99 8.89
C THR B 105 -9.51 -10.13 8.99
N GLY B 106 -8.23 -9.80 8.97
CA GLY B 106 -7.23 -10.87 9.25
C GLY B 106 -7.45 -11.39 10.69
N SER B 107 -8.10 -10.61 11.53
CA SER B 107 -8.22 -11.01 12.94
C SER B 107 -9.31 -12.07 13.08
N ALA B 108 -10.32 -11.98 12.20
CA ALA B 108 -11.31 -13.03 12.02
C ALA B 108 -10.64 -14.38 11.78
N LEU B 109 -9.59 -14.39 10.97
CA LEU B 109 -8.86 -15.63 10.73
C LEU B 109 -8.11 -16.07 11.98
N LEU B 110 -7.49 -15.12 12.67
CA LEU B 110 -6.75 -15.47 13.87
C LEU B 110 -7.71 -15.91 14.97
N SER B 111 -8.91 -15.34 14.92
CA SER B 111 -9.95 -15.64 15.90
C SER B 111 -10.32 -17.11 15.68
N LYS B 112 -10.76 -17.42 14.47
CA LYS B 112 -11.05 -18.80 14.12
C LYS B 112 -9.93 -19.76 14.51
N ALA B 113 -8.68 -19.34 14.43
CA ALA B 113 -7.63 -20.28 14.77
C ALA B 113 -7.54 -20.41 16.28
N GLY B 114 -8.33 -19.61 16.99
CA GLY B 114 -8.40 -19.65 18.44
C GLY B 114 -7.30 -18.98 19.22
N ILE B 115 -6.43 -18.25 18.55
CA ILE B 115 -5.25 -17.70 19.19
C ILE B 115 -5.57 -16.42 20.00
N LEU B 116 -6.73 -15.84 19.75
CA LEU B 116 -7.11 -14.57 20.38
C LEU B 116 -8.07 -14.77 21.57
N ASN B 117 -8.41 -16.02 21.87
CA ASN B 117 -9.31 -16.26 22.98
C ASN B 117 -8.73 -15.70 24.28
N GLY B 118 -9.52 -14.93 25.00
CA GLY B 118 -9.08 -14.34 26.26
C GLY B 118 -8.08 -13.22 26.03
N LYS B 119 -8.05 -12.71 24.81
CA LYS B 119 -7.12 -11.65 24.41
C LYS B 119 -7.91 -10.41 23.99
N ARG B 120 -7.36 -9.22 24.26
CA ARG B 120 -7.93 -7.99 23.69
CA ARG B 120 -7.90 -7.99 23.70
C ARG B 120 -7.48 -7.89 22.23
N ALA B 121 -8.44 -7.60 21.34
CA ALA B 121 -8.11 -7.47 19.92
C ALA B 121 -9.18 -6.63 19.24
N THR B 122 -8.93 -6.24 17.99
CA THR B 122 -9.91 -5.44 17.24
C THR B 122 -9.91 -5.85 15.75
N THR B 123 -10.74 -5.18 14.95
CA THR B 123 -10.82 -5.45 13.54
C THR B 123 -11.36 -4.20 12.91
N ASN B 124 -11.52 -4.17 11.59
CA ASN B 124 -11.96 -2.93 10.95
C ASN B 124 -13.41 -2.69 11.35
N LYS B 125 -13.83 -1.43 11.32
CA LYS B 125 -15.15 -1.10 11.86
C LYS B 125 -16.31 -1.55 10.98
N ARG B 126 -16.14 -1.44 9.66
CA ARG B 126 -17.12 -1.92 8.69
CA ARG B 126 -17.16 -1.90 8.74
C ARG B 126 -17.46 -3.39 8.92
N SER B 127 -16.47 -4.18 9.33
CA SER B 127 -16.71 -5.62 9.50
C SER B 127 -16.79 -6.06 10.96
N PHE B 128 -16.91 -5.10 11.86
CA PHE B 128 -16.82 -5.40 13.29
C PHE B 128 -17.84 -6.46 13.74
N LYS B 129 -19.10 -6.24 13.40
CA LYS B 129 -20.17 -7.17 13.76
C LYS B 129 -19.88 -8.57 13.24
N TRP B 130 -19.52 -8.63 11.97
CA TRP B 130 -19.33 -9.91 11.30
C TRP B 130 -18.25 -10.67 12.04
N VAL B 131 -17.15 -10.01 12.27
CA VAL B 131 -16.05 -10.65 12.88
C VAL B 131 -16.32 -11.06 14.29
N THR B 132 -16.79 -10.11 15.08
CA THR B 132 -16.95 -10.33 16.51
C THR B 132 -17.94 -11.39 16.88
N GLU B 133 -19.04 -11.43 16.18
CA GLU B 133 -20.09 -12.36 16.47
C GLU B 133 -19.70 -13.79 16.19
N GLN B 134 -18.61 -13.99 15.51
CA GLN B 134 -18.00 -15.29 15.33
C GLN B 134 -17.37 -15.86 16.59
N ASN B 135 -16.88 -15.01 17.45
CA ASN B 135 -16.19 -15.48 18.63
C ASN B 135 -16.32 -14.59 19.85
N GLU B 136 -17.09 -15.04 20.83
CA GLU B 136 -17.26 -14.38 22.12
C GLU B 136 -16.06 -14.38 23.07
N ASP B 137 -15.32 -15.47 23.06
CA ASP B 137 -14.16 -15.68 23.94
C ASP B 137 -13.00 -14.72 23.66
N VAL B 138 -13.23 -13.76 22.77
CA VAL B 138 -12.22 -12.75 22.50
C VAL B 138 -12.67 -11.44 23.11
N LEU B 139 -11.78 -10.82 23.87
CA LEU B 139 -12.03 -9.52 24.46
C LEU B 139 -11.94 -8.45 23.39
N TRP B 140 -12.91 -8.45 22.48
CA TRP B 140 -12.91 -7.50 21.37
C TRP B 140 -12.90 -6.08 21.87
N VAL B 141 -12.23 -5.21 21.14
CA VAL B 141 -12.19 -3.79 21.48
C VAL B 141 -12.71 -3.04 20.26
N LYS B 142 -13.78 -2.28 20.44
CA LYS B 142 -14.48 -1.71 19.30
C LYS B 142 -13.85 -0.44 18.72
N GLU B 143 -13.41 0.42 19.62
CA GLU B 143 -13.05 1.78 19.24
C GLU B 143 -11.59 1.93 18.84
N ALA B 144 -10.74 1.00 19.26
CA ALA B 144 -9.31 1.12 19.07
C ALA B 144 -8.93 1.13 17.59
N ARG B 145 -7.91 1.91 17.27
CA ARG B 145 -7.33 1.82 15.94
C ARG B 145 -6.55 0.52 15.87
N TRP B 146 -5.82 0.21 16.94
CA TRP B 146 -5.17 -1.10 17.05
C TRP B 146 -4.96 -1.51 18.51
N VAL B 147 -4.78 -2.82 18.74
CA VAL B 147 -4.62 -3.34 20.09
C VAL B 147 -3.40 -4.26 20.18
N LYS B 148 -2.52 -3.99 21.15
CA LYS B 148 -1.40 -4.88 21.52
C LYS B 148 -1.80 -5.69 22.75
N ASP B 149 -1.58 -6.99 22.69
CA ASP B 149 -1.86 -7.84 23.83
C ASP B 149 -0.78 -8.92 23.91
N GLY B 150 0.27 -8.63 24.65
CA GLY B 150 1.45 -9.48 24.65
C GLY B 150 2.19 -9.31 23.34
N ASN B 151 2.39 -10.42 22.64
CA ASN B 151 3.07 -10.43 21.35
CA ASN B 151 3.07 -10.39 21.35
C ASN B 151 2.08 -10.37 20.18
N ILE B 152 0.81 -10.07 20.47
CA ILE B 152 -0.24 -10.02 19.47
C ILE B 152 -0.69 -8.59 19.17
N TYR B 153 -0.61 -8.21 17.89
CA TYR B 153 -1.01 -6.88 17.45
C TYR B 153 -2.10 -6.99 16.39
N THR B 154 -3.28 -6.45 16.68
CA THR B 154 -4.39 -6.46 15.70
C THR B 154 -4.80 -5.01 15.39
N SER B 155 -5.20 -4.75 14.13
CA SER B 155 -5.62 -3.39 13.77
C SER B 155 -6.93 -3.37 12.97
N SER B 156 -7.42 -2.16 12.74
CA SER B 156 -8.66 -1.93 12.04
C SER B 156 -8.49 -1.78 10.52
N GLY B 157 -8.84 -0.61 9.98
CA GLY B 157 -8.84 -0.43 8.55
C GLY B 157 -7.44 -0.15 8.04
N VAL B 158 -7.33 0.32 6.80
CA VAL B 158 -6.01 0.42 6.16
C VAL B 158 -5.10 1.48 6.80
N SER B 159 -5.64 2.62 7.19
CA SER B 159 -4.80 3.61 7.87
C SER B 159 -4.28 3.04 9.20
N ALA B 160 -5.18 2.45 9.99
CA ALA B 160 -4.79 1.86 11.26
C ALA B 160 -3.73 0.76 11.09
N GLY B 161 -3.83 -0.01 10.02
CA GLY B 161 -2.90 -1.09 9.80
C GLY B 161 -1.49 -0.56 9.58
N ILE B 162 -1.35 0.49 8.77
CA ILE B 162 -0.02 1.15 8.60
C ILE B 162 0.49 1.83 9.85
N ASP B 163 -0.40 2.59 10.52
CA ASP B 163 -0.02 3.22 11.78
C ASP B 163 0.34 2.18 12.87
N MET B 164 -0.38 1.08 12.93
CA MET B 164 -0.01 -0.03 13.82
CA MET B 164 -0.02 -0.04 13.81
C MET B 164 1.40 -0.54 13.53
N THR B 165 1.69 -0.79 12.25
CA THR B 165 3.01 -1.27 11.88
C THR B 165 4.11 -0.35 12.38
N LEU B 166 3.95 0.96 12.18
CA LEU B 166 4.93 1.90 12.70
C LEU B 166 5.00 1.83 14.23
N GLY B 167 3.87 1.54 14.88
CA GLY B 167 3.83 1.34 16.34
C GLY B 167 4.61 0.09 16.74
N PHE B 168 4.51 -0.94 15.91
CA PHE B 168 5.18 -2.21 16.16
C PHE B 168 6.68 -2.01 16.04
N ILE B 169 7.09 -1.26 15.01
CA ILE B 169 8.48 -0.87 14.88
C ILE B 169 8.99 -0.05 16.09
N GLU B 170 8.16 0.87 16.57
CA GLU B 170 8.54 1.67 17.72
C GLU B 170 8.84 0.72 18.86
N ASP B 171 7.91 -0.19 19.11
CA ASP B 171 8.07 -1.18 20.16
C ASP B 171 9.29 -2.06 20.00
N LEU B 172 9.63 -2.40 18.77
CA LEU B 172 10.60 -3.43 18.53
C LEU B 172 11.97 -2.85 18.19
N ILE B 173 11.99 -1.76 17.43
CA ILE B 173 13.23 -1.19 16.93
C ILE B 173 13.51 0.15 17.62
N GLY B 174 12.49 0.79 18.17
CA GLY B 174 12.66 2.08 18.82
C GLY B 174 12.03 3.22 18.02
N LYS B 175 11.44 4.17 18.72
CA LYS B 175 10.62 5.15 18.03
C LYS B 175 11.38 6.04 17.06
N GLU B 176 12.66 6.23 17.34
CA GLU B 176 13.51 7.03 16.46
C GLU B 176 13.53 6.42 15.06
N LYS B 177 13.60 5.09 15.00
CA LYS B 177 13.56 4.38 13.73
C LYS B 177 12.20 4.54 13.02
N ALA B 178 11.11 4.36 13.75
CA ALA B 178 9.82 4.47 13.12
C ALA B 178 9.65 5.87 12.49
N LEU B 179 10.03 6.91 13.23
CA LEU B 179 9.95 8.29 12.71
C LEU B 179 10.83 8.51 11.49
N GLU B 180 11.99 7.88 11.51
CA GLU B 180 12.90 8.03 10.39
C GLU B 180 12.22 7.45 9.16
N ILE B 181 11.57 6.30 9.30
CA ILE B 181 10.88 5.70 8.17
C ILE B 181 9.73 6.61 7.68
N SER B 182 8.89 7.06 8.61
CA SER B 182 7.78 7.96 8.26
C SER B 182 8.25 9.12 7.42
N ARG B 183 9.27 9.78 7.93
CA ARG B 183 9.78 10.99 7.32
C ARG B 183 10.37 10.72 5.95
N SER B 184 11.08 9.61 5.81
CA SER B 184 11.76 9.31 4.55
C SER B 184 10.85 8.90 3.39
N ILE B 185 9.75 8.20 3.69
CA ILE B 185 8.81 7.83 2.63
C ILE B 185 7.73 8.91 2.51
N GLU B 186 7.72 9.86 3.43
CA GLU B 186 6.71 10.91 3.46
C GLU B 186 5.30 10.37 3.70
N TYR B 187 5.21 9.53 4.74
CA TYR B 187 3.95 9.02 5.26
C TYR B 187 3.56 9.71 6.55
N PHE B 188 2.32 10.18 6.63
CA PHE B 188 1.85 10.87 7.81
C PHE B 188 1.33 9.83 8.79
N TRP B 189 1.98 9.75 9.93
CA TRP B 189 1.68 8.69 10.90
C TRP B 189 0.81 9.21 12.06
N ASN B 190 -0.41 8.74 12.19
CA ASN B 190 -1.18 9.06 13.40
C ASN B 190 -0.79 8.06 14.49
N GLU B 191 -0.02 8.52 15.47
CA GLU B 191 0.45 7.63 16.54
C GLU B 191 -0.64 7.22 17.51
N ASP B 192 -1.80 7.88 17.46
CA ASP B 192 -2.85 7.51 18.40
C ASP B 192 -3.46 6.19 17.98
N SER B 193 -3.47 5.25 18.91
CA SER B 193 -3.95 3.92 18.68
C SER B 193 -5.35 3.73 19.25
N ASN B 194 -5.85 4.73 19.94
CA ASN B 194 -7.06 4.56 20.68
C ASN B 194 -8.39 5.08 20.16
N TYR B 195 -8.37 6.12 19.35
CA TYR B 195 -9.62 6.63 18.83
C TYR B 195 -9.66 6.42 17.31
N ASP B 196 -10.50 5.48 16.87
CA ASP B 196 -10.75 5.27 15.45
C ASP B 196 -11.97 6.08 15.05
N PRO B 197 -11.77 7.12 14.23
CA PRO B 197 -12.89 7.98 13.82
C PRO B 197 -13.96 7.23 13.02
N PHE B 198 -13.58 6.11 12.39
CA PHE B 198 -14.52 5.26 11.64
C PHE B 198 -15.42 4.41 12.59
N SER B 199 -15.02 4.24 13.84
CA SER B 199 -15.85 3.52 14.82
C SER B 199 -17.19 4.21 14.88
N LYS B 200 -17.16 5.49 14.55
CA LYS B 200 -18.27 6.41 14.72
C LYS B 200 -19.52 6.00 13.95
N ILE B 201 -19.40 5.87 12.63
CA ILE B 201 -20.59 5.69 11.81
C ILE B 201 -21.26 4.32 11.94
N TYR B 202 -20.66 3.41 12.71
CA TYR B 202 -21.24 2.08 12.91
C TYR B 202 -21.77 1.91 14.32
#